data_2I33
#
_entry.id   2I33
#
_cell.length_a   52.231
_cell.length_b   89.909
_cell.length_c   104.238
_cell.angle_alpha   90.00
_cell.angle_beta   90.00
_cell.angle_gamma   90.00
#
_symmetry.space_group_name_H-M   'P 21 21 21'
#
loop_
_entity.id
_entity.type
_entity.pdbx_description
1 polymer 'Acid phosphatase'
2 non-polymer 'MAGNESIUM ION'
3 water water
#
_entity_poly.entity_id   1
_entity_poly.type   'polypeptide(L)'
_entity_poly.pdbx_seq_one_letter_code
;SGTTEKTVAKEEKVKLTDQQLMADLWYQTAGEMKALYYQGYNTGQLKLDAALAKGTEKKPAIVLDLDETVLDNSPHQAMS
VKTGKGYPYKWDDWINKAEAEALPGSIDFLKYTESKGVDIYYISNRKTNQLDATIKNLERVGAPQATKEHILLQDPKEKG
KEKRRELVSQTHDIVLFFGDNLSDFTGFDGKSVKDRNQAVTDSKAQFGEKFIIFPNPMYGDWEGALYDYNFKKSDAEKDK
IRHDNLKSFDAKHHHHHH
;
_entity_poly.pdbx_strand_id   A,B
#
loop_
_chem_comp.id
_chem_comp.type
_chem_comp.name
_chem_comp.formula
MG non-polymer 'MAGNESIUM ION' 'Mg 2'
#
# COMPACT_ATOMS: atom_id res chain seq x y z
N VAL A 14 14.37 11.36 -22.47
CA VAL A 14 13.43 10.86 -21.41
C VAL A 14 13.83 11.37 -20.03
N LYS A 15 12.83 11.79 -19.27
CA LYS A 15 13.02 12.22 -17.90
C LYS A 15 12.40 11.18 -16.98
N LEU A 16 13.23 10.23 -16.50
CA LEU A 16 12.77 9.16 -15.65
C LEU A 16 12.03 9.70 -14.44
N THR A 17 12.50 10.81 -13.89
CA THR A 17 11.90 11.29 -12.63
C THR A 17 10.42 11.67 -12.77
N ASP A 18 9.99 12.02 -13.98
CA ASP A 18 8.60 12.37 -14.19
C ASP A 18 7.74 11.12 -14.01
N GLN A 19 8.31 9.97 -14.33
CA GLN A 19 7.56 8.71 -14.19
C GLN A 19 7.21 8.33 -12.75
N GLN A 20 7.87 9.00 -11.79
CA GLN A 20 7.71 8.81 -10.33
CA GLN A 20 7.63 8.72 -10.37
C GLN A 20 6.57 9.64 -9.77
N LEU A 21 6.12 10.60 -10.54
CA LEU A 21 5.32 11.68 -9.99
C LEU A 21 4.09 11.19 -9.25
N MET A 22 3.27 10.36 -9.88
CA MET A 22 2.05 9.90 -9.21
C MET A 22 2.35 9.07 -7.97
N ALA A 23 3.32 8.17 -8.07
CA ALA A 23 3.71 7.39 -6.88
C ALA A 23 4.09 8.32 -5.72
N ASP A 24 4.88 9.34 -6.03
CA ASP A 24 5.37 10.28 -5.00
C ASP A 24 4.22 11.09 -4.45
N LEU A 25 3.35 11.52 -5.34
CA LEU A 25 2.23 12.34 -4.97
C LEU A 25 1.27 11.56 -4.06
N TRP A 26 1.02 10.31 -4.40
CA TRP A 26 0.21 9.43 -3.55
C TRP A 26 0.86 9.31 -2.17
N TYR A 27 2.14 9.03 -2.17
CA TYR A 27 2.82 8.77 -0.91
C TYR A 27 2.78 10.02 -0.02
N GLN A 28 2.96 11.19 -0.63
CA GLN A 28 3.02 12.44 0.12
C GLN A 28 1.69 13.01 0.54
N THR A 29 0.64 12.74 -0.22
CA THR A 29 -0.62 13.42 0.01
C THR A 29 -1.78 12.50 0.34
N ALA A 30 -1.72 11.23 -0.09
CA ALA A 30 -2.92 10.40 -0.01
C ALA A 30 -3.25 9.99 1.41
N GLY A 31 -4.48 10.26 1.82
CA GLY A 31 -4.91 9.74 3.11
C GLY A 31 -4.83 8.21 3.16
N GLU A 32 -5.08 7.56 2.02
CA GLU A 32 -4.97 6.10 1.91
C GLU A 32 -3.61 5.62 2.34
N MET A 33 -2.58 6.35 1.95
CA MET A 33 -1.23 6.01 2.37
C MET A 33 -1.16 6.05 3.89
N LYS A 34 -1.65 7.14 4.47
CA LYS A 34 -1.61 7.27 5.94
C LYS A 34 -2.36 6.13 6.59
N ALA A 35 -3.52 5.79 6.05
CA ALA A 35 -4.35 4.72 6.59
C ALA A 35 -3.63 3.37 6.55
N LEU A 36 -2.86 3.15 5.48
CA LEU A 36 -2.09 1.92 5.38
C LEU A 36 -1.00 1.87 6.45
N TYR A 37 -0.40 3.01 6.76
CA TYR A 37 0.57 3.07 7.86
C TYR A 37 -0.12 2.82 9.19
N TYR A 38 -1.26 3.43 9.43
CA TYR A 38 -1.98 3.10 10.68
C TYR A 38 -2.37 1.63 10.71
N GLN A 39 -2.83 1.10 9.59
CA GLN A 39 -3.26 -0.29 9.57
C GLN A 39 -2.09 -1.20 9.92
N GLY A 40 -0.95 -0.90 9.34
CA GLY A 40 0.26 -1.70 9.59
C GLY A 40 0.63 -1.63 11.09
N TYR A 41 0.70 -0.42 11.61
CA TYR A 41 1.09 -0.27 13.02
C TYR A 41 0.03 -0.79 13.98
N ASN A 42 -1.25 -0.66 13.62
CA ASN A 42 -2.28 -1.25 14.46
C ASN A 42 -2.15 -2.77 14.52
N THR A 43 -1.94 -3.35 13.34
CA THR A 43 -1.84 -4.78 13.23
C THR A 43 -0.59 -5.22 13.97
N GLY A 44 0.49 -4.46 13.81
CA GLY A 44 1.71 -4.77 14.53
C GLY A 44 1.50 -4.76 16.04
N GLN A 45 0.75 -3.79 16.55
CA GLN A 45 0.51 -3.75 17.98
C GLN A 45 -0.28 -4.97 18.48
N LEU A 46 -1.29 -5.35 17.73
CA LEU A 46 -2.11 -6.52 18.04
C LEU A 46 -1.23 -7.75 18.07
N LYS A 47 -0.38 -7.89 17.07
CA LYS A 47 0.48 -9.04 16.99
C LYS A 47 1.57 -9.01 18.05
N LEU A 48 2.01 -7.81 18.42
CA LEU A 48 2.98 -7.69 19.51
C LEU A 48 2.36 -8.22 20.81
N ASP A 49 1.16 -7.78 21.14
CA ASP A 49 0.49 -8.28 22.32
C ASP A 49 0.32 -9.80 22.32
N ALA A 50 -0.06 -10.32 21.16
CA ALA A 50 -0.27 -11.76 20.99
C ALA A 50 1.03 -12.50 21.27
N ALA A 51 2.12 -11.97 20.71
CA ALA A 51 3.42 -12.58 20.87
C ALA A 51 3.88 -12.56 22.32
N LEU A 52 3.65 -11.44 23.01
CA LEU A 52 4.03 -11.34 24.42
C LEU A 52 3.20 -12.30 25.25
N ALA A 53 1.92 -12.44 24.92
CA ALA A 53 1.08 -13.38 25.66
C ALA A 53 1.50 -14.82 25.38
N LYS A 54 1.98 -15.11 24.15
CA LYS A 54 2.45 -16.48 23.82
C LYS A 54 3.70 -16.75 24.68
N GLY A 55 4.54 -15.71 24.79
CA GLY A 55 5.79 -15.81 25.51
C GLY A 55 6.87 -16.12 24.52
N THR A 56 8.11 -15.90 24.96
CA THR A 56 9.26 -16.13 24.12
C THR A 56 10.30 -16.85 24.95
N GLU A 57 11.29 -17.45 24.28
CA GLU A 57 12.40 -18.09 24.94
C GLU A 57 13.39 -17.01 25.34
N LYS A 58 13.66 -16.09 24.41
CA LYS A 58 14.56 -14.97 24.67
C LYS A 58 13.79 -13.66 24.82
N LYS A 59 14.52 -12.64 25.26
CA LYS A 59 14.01 -11.30 25.41
C LYS A 59 13.33 -10.89 24.10
N PRO A 60 12.09 -10.42 24.16
CA PRO A 60 11.47 -10.05 22.89
C PRO A 60 12.10 -8.81 22.24
N ALA A 61 12.13 -8.82 20.91
CA ALA A 61 12.48 -7.63 20.14
C ALA A 61 11.57 -7.47 18.94
N ILE A 62 11.54 -6.27 18.43
CA ILE A 62 11.02 -6.02 17.10
C ILE A 62 12.08 -5.31 16.29
N VAL A 63 11.95 -5.46 14.98
CA VAL A 63 12.86 -4.90 14.02
C VAL A 63 12.07 -4.05 13.06
N LEU A 64 12.56 -2.87 12.80
CA LEU A 64 11.99 -1.99 11.80
C LEU A 64 13.03 -1.44 10.88
N ASP A 65 12.65 -1.34 9.61
CA ASP A 65 13.36 -0.53 8.68
C ASP A 65 13.11 0.93 9.09
N LEU A 66 13.91 1.87 8.53
CA LEU A 66 13.71 3.28 8.83
C LEU A 66 13.02 3.98 7.70
N ASP A 67 13.68 4.05 6.55
CA ASP A 67 13.18 4.91 5.47
C ASP A 67 11.94 4.29 4.87
N GLU A 68 10.88 5.08 4.86
CA GLU A 68 9.58 4.66 4.37
C GLU A 68 8.90 3.58 5.25
N THR A 69 9.39 3.45 6.47
CA THR A 69 8.75 2.63 7.47
C THR A 69 8.49 3.45 8.72
N VAL A 70 9.54 4.12 9.24
CA VAL A 70 9.47 5.03 10.37
C VAL A 70 9.64 6.48 9.90
N LEU A 71 10.61 6.71 9.03
CA LEU A 71 10.92 8.07 8.56
C LEU A 71 10.50 8.29 7.13
N ASP A 72 9.88 9.44 6.90
CA ASP A 72 9.32 9.82 5.63
C ASP A 72 10.35 10.64 4.83
N ASN A 73 10.88 10.04 3.76
CA ASN A 73 11.85 10.73 2.89
C ASN A 73 11.24 11.23 1.62
N SER A 74 9.93 11.27 1.56
CA SER A 74 9.33 11.67 0.33
C SER A 74 9.73 13.10 -0.11
N PRO A 75 10.07 14.04 0.82
CA PRO A 75 10.54 15.35 0.31
C PRO A 75 11.77 15.24 -0.58
N HIS A 76 12.58 14.22 -0.35
CA HIS A 76 13.71 14.02 -1.24
C HIS A 76 13.26 13.55 -2.63
N GLN A 77 12.30 12.64 -2.66
CA GLN A 77 11.78 12.16 -3.94
C GLN A 77 11.11 13.31 -4.70
N ALA A 78 10.39 14.15 -3.99
CA ALA A 78 9.81 15.38 -4.57
C ALA A 78 10.89 16.27 -5.20
N MET A 79 12.00 16.43 -4.48
CA MET A 79 13.13 17.18 -4.99
C MET A 79 13.60 16.59 -6.31
N SER A 80 13.65 15.27 -6.39
CA SER A 80 14.10 14.62 -7.63
C SER A 80 13.16 14.93 -8.79
N VAL A 81 11.87 14.89 -8.54
CA VAL A 81 10.89 15.29 -9.54
C VAL A 81 11.12 16.74 -9.99
N LYS A 82 11.34 17.64 -9.04
CA LYS A 82 11.50 19.05 -9.39
C LYS A 82 12.79 19.38 -10.15
N THR A 83 13.86 18.68 -9.82
CA THR A 83 15.18 18.96 -10.37
C THR A 83 15.48 18.09 -11.60
N GLY A 84 14.71 17.02 -11.73
CA GLY A 84 14.94 16.02 -12.75
C GLY A 84 16.14 15.12 -12.49
N LYS A 85 16.65 15.18 -11.26
CA LYS A 85 17.84 14.41 -10.89
CA LYS A 85 17.85 14.42 -10.87
C LYS A 85 17.47 13.42 -9.81
N GLY A 86 17.48 12.14 -10.17
CA GLY A 86 17.04 11.11 -9.31
C GLY A 86 18.01 10.73 -8.20
N TYR A 87 17.49 9.94 -7.27
CA TYR A 87 18.27 9.36 -6.21
C TYR A 87 19.49 8.73 -6.82
N PRO A 88 20.66 8.86 -6.19
CA PRO A 88 20.90 9.49 -4.88
C PRO A 88 21.37 10.96 -4.91
N TYR A 89 21.04 11.71 -5.95
CA TYR A 89 21.39 13.13 -5.99
C TYR A 89 20.86 13.82 -4.75
N LYS A 90 21.79 14.45 -4.02
CA LYS A 90 21.47 15.18 -2.77
C LYS A 90 20.79 14.34 -1.69
N TRP A 91 20.92 13.00 -1.77
CA TRP A 91 20.39 12.15 -0.73
C TRP A 91 21.15 12.38 0.58
N ASP A 92 22.46 12.42 0.53
CA ASP A 92 23.24 12.65 1.74
C ASP A 92 22.93 14.02 2.34
N ASP A 93 22.74 15.02 1.47
CA ASP A 93 22.34 16.36 1.94
C ASP A 93 21.03 16.26 2.72
N TRP A 94 20.08 15.54 2.16
CA TRP A 94 18.80 15.28 2.81
C TRP A 94 18.97 14.59 4.17
N ILE A 95 19.72 13.49 4.17
CA ILE A 95 19.94 12.77 5.44
C ILE A 95 20.57 13.68 6.50
N ASN A 96 21.54 14.48 6.10
CA ASN A 96 22.20 15.37 7.04
C ASN A 96 21.28 16.42 7.65
N LYS A 97 20.25 16.82 6.93
CA LYS A 97 19.30 17.79 7.46
C LYS A 97 18.54 17.18 8.63
N ALA A 98 18.37 15.86 8.60
CA ALA A 98 17.84 15.11 9.77
C ALA A 98 16.46 15.65 10.16
N GLU A 99 15.65 15.86 9.14
CA GLU A 99 14.33 16.46 9.30
C GLU A 99 13.20 15.64 8.73
N ALA A 100 13.42 14.35 8.42
CA ALA A 100 12.33 13.50 7.96
C ALA A 100 11.31 13.41 9.10
N GLU A 101 10.04 13.49 8.74
CA GLU A 101 8.97 13.27 9.68
C GLU A 101 8.73 11.79 9.94
N ALA A 102 8.21 11.47 11.14
CA ALA A 102 7.79 10.12 11.44
C ALA A 102 6.53 9.79 10.68
N LEU A 103 6.44 8.55 10.23
CA LEU A 103 5.31 8.07 9.48
C LEU A 103 4.14 7.76 10.41
N PRO A 104 2.95 7.78 9.86
CA PRO A 104 1.75 7.63 10.71
C PRO A 104 1.74 6.38 11.57
N GLY A 105 1.51 6.57 12.87
CA GLY A 105 1.37 5.45 13.80
C GLY A 105 2.70 4.96 14.35
N SER A 106 3.79 5.35 13.71
CA SER A 106 5.05 4.73 14.08
C SER A 106 5.49 5.05 15.50
N ILE A 107 5.48 6.34 15.84
CA ILE A 107 6.01 6.77 17.14
C ILE A 107 5.16 6.19 18.28
N ASP A 108 3.84 6.22 18.14
CA ASP A 108 3.01 5.70 19.22
C ASP A 108 3.22 4.21 19.39
N PHE A 109 3.39 3.51 18.26
CA PHE A 109 3.61 2.09 18.34
C PHE A 109 4.95 1.81 19.00
N LEU A 110 5.96 2.59 18.62
CA LEU A 110 7.25 2.36 19.20
C LEU A 110 7.28 2.70 20.71
N LYS A 111 6.60 3.78 21.12
CA LYS A 111 6.50 4.09 22.51
C LYS A 111 5.73 3.01 23.28
N TYR A 112 4.70 2.42 22.64
CA TYR A 112 3.99 1.30 23.25
C TYR A 112 4.90 0.11 23.47
N THR A 113 5.62 -0.23 22.40
CA THR A 113 6.58 -1.31 22.43
C THR A 113 7.57 -1.10 23.57
N GLU A 114 8.12 0.10 23.67
CA GLU A 114 9.04 0.45 24.76
C GLU A 114 8.39 0.29 26.15
N SER A 115 7.12 0.64 26.24
CA SER A 115 6.40 0.54 27.52
C SER A 115 6.24 -0.90 27.97
N LYS A 116 6.28 -1.84 27.01
CA LYS A 116 6.11 -3.26 27.31
C LYS A 116 7.43 -3.92 27.61
N GLY A 117 8.51 -3.14 27.57
CA GLY A 117 9.82 -3.65 27.84
C GLY A 117 10.47 -4.38 26.68
N VAL A 118 9.92 -4.18 25.49
CA VAL A 118 10.39 -4.85 24.29
C VAL A 118 11.46 -3.97 23.63
N ASP A 119 12.58 -4.59 23.32
CA ASP A 119 13.64 -3.91 22.62
C ASP A 119 13.30 -3.65 21.15
N ILE A 120 13.73 -2.50 20.67
CA ILE A 120 13.52 -2.08 19.29
C ILE A 120 14.85 -2.04 18.58
N TYR A 121 14.93 -2.64 17.39
CA TYR A 121 16.10 -2.50 16.53
C TYR A 121 15.69 -1.90 15.22
N TYR A 122 16.32 -0.79 14.91
CA TYR A 122 16.12 -0.11 13.63
C TYR A 122 17.22 -0.62 12.71
N ILE A 123 16.87 -1.54 11.81
CA ILE A 123 17.81 -2.10 10.86
C ILE A 123 17.55 -1.40 9.53
N SER A 124 18.48 -0.57 9.12
CA SER A 124 18.30 0.36 7.99
C SER A 124 19.52 0.35 7.10
N ASN A 125 19.32 0.50 5.79
CA ASN A 125 20.42 0.60 4.86
C ASN A 125 20.96 2.01 4.60
N ARG A 126 20.59 2.95 5.47
CA ARG A 126 21.45 4.12 5.65
C ARG A 126 22.86 3.62 5.96
N LYS A 127 23.84 4.43 5.58
CA LYS A 127 25.22 4.09 5.75
C LYS A 127 25.62 4.31 7.21
N THR A 128 26.54 3.49 7.69
CA THR A 128 27.03 3.66 9.06
C THR A 128 27.57 5.08 9.35
N ASN A 129 28.07 5.77 8.33
CA ASN A 129 28.56 7.15 8.52
C ASN A 129 27.45 8.19 8.57
N GLN A 130 26.21 7.72 8.47
CA GLN A 130 25.05 8.56 8.64
C GLN A 130 24.39 8.29 9.99
N LEU A 131 25.08 7.58 10.87
CA LEU A 131 24.50 7.30 12.18
C LEU A 131 24.17 8.56 12.98
N ASP A 132 25.10 9.51 13.02
CA ASP A 132 24.86 10.72 13.82
C ASP A 132 23.64 11.47 13.34
N ALA A 133 23.52 11.61 12.01
CA ALA A 133 22.40 12.29 11.41
C ALA A 133 21.11 11.50 11.66
N THR A 134 21.24 10.19 11.65
CA THR A 134 20.09 9.32 11.86
C THR A 134 19.60 9.41 13.32
N ILE A 135 20.53 9.35 14.26
CA ILE A 135 20.17 9.55 15.66
C ILE A 135 19.48 10.90 15.83
N LYS A 136 20.06 11.92 15.20
CA LYS A 136 19.52 13.28 15.28
C LYS A 136 18.06 13.29 14.82
N ASN A 137 17.80 12.65 13.69
CA ASN A 137 16.44 12.61 13.12
C ASN A 137 15.51 11.79 14.04
N LEU A 138 16.00 10.69 14.57
CA LEU A 138 15.17 9.85 15.44
C LEU A 138 14.85 10.55 16.76
N GLU A 139 15.82 11.27 17.30
CA GLU A 139 15.57 12.10 18.47
C GLU A 139 14.55 13.20 18.15
N ARG A 140 14.67 13.82 16.97
CA ARG A 140 13.75 14.87 16.59
C ARG A 140 12.33 14.38 16.58
N VAL A 141 12.11 13.15 16.13
CA VAL A 141 10.76 12.61 15.97
C VAL A 141 10.29 11.90 17.24
N GLY A 142 11.18 11.74 18.20
CA GLY A 142 10.84 11.11 19.49
C GLY A 142 10.78 9.60 19.45
N ALA A 143 11.55 9.00 18.55
CA ALA A 143 11.64 7.54 18.46
C ALA A 143 12.43 7.06 19.66
N PRO A 144 11.94 6.01 20.34
CA PRO A 144 12.70 5.48 21.47
C PRO A 144 13.95 4.74 21.05
N GLN A 145 14.84 4.57 22.02
CA GLN A 145 16.04 3.77 21.82
C GLN A 145 16.81 4.27 20.59
N ALA A 146 16.96 5.58 20.45
CA ALA A 146 17.66 6.19 19.31
C ALA A 146 19.16 6.27 19.60
N THR A 147 19.76 5.08 19.70
CA THR A 147 21.18 4.97 20.06
C THR A 147 21.89 4.01 19.13
N LYS A 148 23.23 4.11 19.11
CA LYS A 148 24.03 3.23 18.26
C LYS A 148 23.73 1.74 18.53
N GLU A 149 23.36 1.42 19.77
CA GLU A 149 23.09 0.03 20.17
C GLU A 149 21.83 -0.52 19.51
N HIS A 150 20.93 0.38 19.14
CA HIS A 150 19.64 -0.02 18.56
C HIS A 150 19.45 0.34 17.10
N ILE A 151 20.32 1.21 16.58
CA ILE A 151 20.24 1.62 15.17
C ILE A 151 21.36 0.93 14.42
N LEU A 152 21.00 -0.09 13.63
CA LEU A 152 21.97 -0.99 12.99
C LEU A 152 21.98 -0.66 11.51
N LEU A 153 22.95 0.18 11.14
CA LEU A 153 23.03 0.66 9.76
C LEU A 153 23.91 -0.24 8.93
N GLN A 154 23.94 0.03 7.62
CA GLN A 154 24.63 -0.85 6.68
C GLN A 154 26.10 -0.50 6.51
N ASP A 155 26.94 -1.51 6.70
CA ASP A 155 28.36 -1.34 6.43
C ASP A 155 28.60 -1.23 4.95
N PRO A 156 29.67 -0.52 4.54
CA PRO A 156 30.06 -0.54 3.13
C PRO A 156 30.34 -1.98 2.71
N LYS A 157 29.79 -2.41 1.58
CA LYS A 157 29.97 -3.79 1.08
C LYS A 157 29.00 -4.82 1.69
N GLU A 158 28.33 -4.49 2.79
CA GLU A 158 27.30 -5.37 3.33
C GLU A 158 26.14 -5.50 2.35
N LYS A 159 25.77 -6.74 2.07
CA LYS A 159 24.64 -7.06 1.22
C LYS A 159 23.41 -7.30 2.09
N GLY A 160 22.37 -6.48 1.92
CA GLY A 160 21.12 -6.74 2.60
C GLY A 160 21.24 -6.54 4.10
N LYS A 161 20.30 -7.14 4.82
CA LYS A 161 20.16 -6.96 6.25
C LYS A 161 20.24 -8.24 7.07
N GLU A 162 20.36 -9.39 6.40
CA GLU A 162 20.28 -10.65 7.13
C GLU A 162 21.30 -10.70 8.26
N LYS A 163 22.48 -10.13 8.04
CA LYS A 163 23.54 -10.16 9.07
C LYS A 163 23.09 -9.47 10.37
N ARG A 164 22.46 -8.31 10.23
CA ARG A 164 21.98 -7.58 11.40
C ARG A 164 20.80 -8.29 12.07
N ARG A 165 19.89 -8.86 11.27
CA ARG A 165 18.75 -9.63 11.79
C ARG A 165 19.28 -10.79 12.59
N GLU A 166 20.25 -11.50 12.03
CA GLU A 166 20.78 -12.67 12.68
C GLU A 166 21.43 -12.27 14.00
N LEU A 167 22.15 -11.13 14.02
CA LEU A 167 22.78 -10.62 15.24
C LEU A 167 21.74 -10.35 16.31
N VAL A 168 20.64 -9.69 15.92
CA VAL A 168 19.59 -9.43 16.89
C VAL A 168 18.99 -10.73 17.40
N SER A 169 18.75 -11.68 16.50
CA SER A 169 18.09 -12.94 16.85
CA SER A 169 18.11 -12.94 16.83
C SER A 169 18.97 -13.74 17.79
N GLN A 170 20.25 -13.38 17.86
CA GLN A 170 21.14 -14.03 18.80
C GLN A 170 20.70 -13.78 20.25
N THR A 171 20.21 -12.58 20.52
CA THR A 171 19.93 -12.16 21.89
C THR A 171 18.44 -11.97 22.14
N HIS A 172 17.69 -11.86 21.06
CA HIS A 172 16.29 -11.57 21.16
C HIS A 172 15.51 -12.53 20.30
N ASP A 173 14.27 -12.74 20.68
CA ASP A 173 13.35 -13.42 19.80
C ASP A 173 12.61 -12.33 19.09
N ILE A 174 12.88 -12.17 17.81
CA ILE A 174 12.29 -11.08 17.07
C ILE A 174 10.89 -11.50 16.77
N VAL A 175 9.91 -10.81 17.34
CA VAL A 175 8.56 -11.27 17.17
C VAL A 175 7.85 -10.64 15.99
N LEU A 176 8.41 -9.52 15.48
CA LEU A 176 7.83 -8.80 14.36
C LEU A 176 8.91 -8.07 13.61
N PHE A 177 8.71 -7.99 12.30
CA PHE A 177 9.49 -7.15 11.41
C PHE A 177 8.58 -6.19 10.70
N PHE A 178 9.03 -4.96 10.58
CA PHE A 178 8.28 -3.89 9.92
C PHE A 178 9.09 -3.37 8.74
N GLY A 179 8.47 -3.23 7.58
CA GLY A 179 9.21 -2.63 6.48
C GLY A 179 8.36 -2.32 5.26
N ASP A 180 8.97 -1.65 4.31
CA ASP A 180 8.31 -1.28 3.05
C ASP A 180 8.90 -2.01 1.86
N ASN A 181 9.91 -2.80 2.12
CA ASN A 181 10.64 -3.47 1.10
C ASN A 181 10.77 -4.91 1.56
N LEU A 182 10.51 -5.85 0.67
CA LEU A 182 10.51 -7.28 1.05
C LEU A 182 11.82 -7.66 1.71
N SER A 183 12.91 -7.02 1.31
CA SER A 183 14.23 -7.35 1.90
C SER A 183 14.36 -6.84 3.36
N ASP A 184 13.34 -6.17 3.86
CA ASP A 184 13.24 -5.85 5.30
C ASP A 184 12.78 -7.05 6.12
N PHE A 185 12.35 -8.10 5.42
CA PHE A 185 11.99 -9.38 6.00
C PHE A 185 12.95 -10.43 5.52
N THR A 186 12.91 -11.58 6.18
CA THR A 186 13.78 -12.67 5.80
C THR A 186 13.26 -13.35 4.53
N GLY A 187 14.16 -13.68 3.62
CA GLY A 187 13.84 -14.55 2.49
C GLY A 187 13.53 -13.92 1.14
N PHE A 188 13.89 -12.65 0.97
CA PHE A 188 13.59 -11.93 -0.28
C PHE A 188 14.75 -11.14 -0.87
N ASP A 189 15.98 -11.60 -0.64
CA ASP A 189 17.16 -10.89 -1.14
C ASP A 189 17.49 -11.23 -2.59
N GLY A 190 17.60 -10.19 -3.41
CA GLY A 190 18.25 -10.29 -4.70
C GLY A 190 17.54 -11.18 -5.70
N LYS A 191 16.23 -11.33 -5.52
CA LYS A 191 15.46 -12.23 -6.36
C LYS A 191 14.93 -11.45 -7.57
N SER A 192 14.69 -12.20 -8.64
CA SER A 192 14.01 -11.65 -9.80
C SER A 192 12.58 -11.28 -9.40
N VAL A 193 11.97 -10.46 -10.23
CA VAL A 193 10.56 -10.11 -10.06
C VAL A 193 9.71 -11.38 -9.92
N LYS A 194 9.89 -12.31 -10.86
CA LYS A 194 9.12 -13.58 -10.79
C LYS A 194 9.34 -14.33 -9.47
N ASP A 195 10.59 -14.46 -9.06
CA ASP A 195 10.93 -15.25 -7.87
C ASP A 195 10.53 -14.56 -6.56
N ARG A 196 10.76 -13.25 -6.44
CA ARG A 196 10.36 -12.57 -5.22
C ARG A 196 8.82 -12.56 -5.11
N ASN A 197 8.14 -12.44 -6.24
CA ASN A 197 6.67 -12.46 -6.24
C ASN A 197 6.13 -13.83 -5.82
N GLN A 198 6.73 -14.89 -6.33
CA GLN A 198 6.39 -16.25 -5.91
C GLN A 198 6.67 -16.43 -4.41
N ALA A 199 7.77 -15.84 -3.94
CA ALA A 199 8.14 -15.94 -2.52
C ALA A 199 7.10 -15.32 -1.63
N VAL A 200 6.55 -14.20 -2.08
CA VAL A 200 5.46 -13.59 -1.36
C VAL A 200 4.28 -14.57 -1.25
N THR A 201 3.90 -15.17 -2.36
CA THR A 201 2.80 -16.14 -2.35
C THR A 201 3.06 -17.30 -1.39
N ASP A 202 4.28 -17.82 -1.44
CA ASP A 202 4.66 -18.92 -0.58
C ASP A 202 4.56 -18.53 0.89
N SER A 203 4.91 -17.28 1.20
CA SER A 203 4.92 -16.77 2.59
C SER A 203 3.70 -15.92 2.89
N LYS A 204 2.64 -16.15 2.13
CA LYS A 204 1.46 -15.29 2.22
C LYS A 204 0.91 -15.20 3.64
N ALA A 205 0.95 -16.31 4.39
CA ALA A 205 0.44 -16.29 5.78
C ALA A 205 1.23 -15.39 6.74
N GLN A 206 2.45 -15.01 6.37
CA GLN A 206 3.31 -14.24 7.28
CA GLN A 206 3.34 -14.23 7.24
C GLN A 206 2.96 -12.77 7.27
N PHE A 207 2.32 -12.29 6.21
CA PHE A 207 2.08 -10.88 6.10
C PHE A 207 0.92 -10.48 6.95
N GLY A 208 1.17 -9.52 7.82
CA GLY A 208 0.23 -9.17 8.85
C GLY A 208 0.34 -10.02 10.08
N GLU A 209 1.28 -10.96 10.11
CA GLU A 209 1.45 -11.84 11.25
C GLU A 209 2.81 -11.61 11.87
N LYS A 210 3.85 -11.89 11.09
CA LYS A 210 5.24 -11.67 11.52
C LYS A 210 5.89 -10.54 10.72
N PHE A 211 5.46 -10.36 9.47
CA PHE A 211 6.00 -9.37 8.58
C PHE A 211 4.92 -8.34 8.39
N ILE A 212 5.19 -7.13 8.84
CA ILE A 212 4.26 -6.05 8.71
C ILE A 212 4.79 -5.15 7.62
N ILE A 213 4.03 -5.09 6.54
CA ILE A 213 4.48 -4.37 5.34
C ILE A 213 3.76 -3.06 5.17
N PHE A 214 4.52 -2.07 4.66
CA PHE A 214 4.05 -0.72 4.37
C PHE A 214 4.22 -0.41 2.88
N PRO A 215 3.35 0.46 2.37
CA PRO A 215 3.39 0.74 0.91
C PRO A 215 4.39 1.79 0.47
N ASN A 216 5.25 1.41 -0.45
CA ASN A 216 6.23 2.33 -1.03
C ASN A 216 6.35 2.12 -2.54
N PRO A 217 5.50 2.80 -3.29
CA PRO A 217 5.56 2.73 -4.74
C PRO A 217 6.57 3.66 -5.36
N MET A 218 7.36 4.37 -4.54
CA MET A 218 8.28 5.38 -5.05
C MET A 218 9.58 4.76 -5.55
N TYR A 219 10.01 3.75 -4.82
CA TYR A 219 11.32 3.17 -5.01
C TYR A 219 11.44 1.89 -4.19
N GLY A 220 12.51 1.16 -4.44
CA GLY A 220 12.82 -0.02 -3.67
C GLY A 220 13.31 -1.16 -4.51
N ASP A 221 13.37 -2.30 -3.87
CA ASP A 221 13.81 -3.52 -4.55
C ASP A 221 12.87 -3.98 -5.65
N TRP A 222 11.60 -3.59 -5.59
CA TRP A 222 10.70 -3.92 -6.67
C TRP A 222 11.20 -3.32 -7.98
N GLU A 223 11.79 -2.13 -7.89
CA GLU A 223 12.36 -1.48 -9.03
C GLU A 223 13.74 -2.05 -9.36
N GLY A 224 14.57 -2.17 -8.34
CA GLY A 224 15.90 -2.74 -8.51
C GLY A 224 15.83 -4.10 -9.20
N ALA A 225 14.85 -4.91 -8.80
CA ALA A 225 14.67 -6.24 -9.39
C ALA A 225 14.46 -6.17 -10.90
N LEU A 226 13.77 -5.15 -11.39
CA LEU A 226 13.57 -4.98 -12.83
C LEU A 226 14.88 -4.73 -13.57
N TYR A 227 15.85 -4.13 -12.88
CA TYR A 227 17.13 -3.79 -13.46
C TYR A 227 18.17 -4.85 -13.14
N ASP A 228 17.72 -6.01 -12.65
CA ASP A 228 18.64 -7.02 -12.10
C ASP A 228 19.57 -6.38 -11.09
N TYR A 229 19.04 -5.42 -10.34
CA TYR A 229 19.78 -4.70 -9.31
C TYR A 229 20.99 -3.90 -9.83
N ASN A 230 20.94 -3.55 -11.12
CA ASN A 230 21.96 -2.73 -11.75
C ASN A 230 21.42 -1.35 -12.08
N PHE A 231 21.62 -0.41 -11.17
CA PHE A 231 21.19 0.97 -11.37
C PHE A 231 22.20 1.78 -12.19
N LYS A 232 23.34 1.17 -12.52
CA LYS A 232 24.33 1.79 -13.43
C LYS A 232 23.85 1.73 -14.88
N LYS A 233 22.69 1.11 -15.10
CA LYS A 233 22.03 1.15 -16.39
C LYS A 233 21.74 2.59 -16.77
N SER A 234 21.84 2.89 -18.05
CA SER A 234 21.52 4.24 -18.53
C SER A 234 20.05 4.55 -18.32
N ASP A 235 19.72 5.83 -18.33
CA ASP A 235 18.33 6.26 -18.22
C ASP A 235 17.47 5.66 -19.34
N ALA A 236 18.00 5.63 -20.56
CA ALA A 236 17.28 5.04 -21.67
C ALA A 236 16.99 3.55 -21.44
N GLU A 237 17.95 2.83 -20.88
CA GLU A 237 17.78 1.40 -20.61
C GLU A 237 16.67 1.23 -19.60
N LYS A 238 16.73 2.01 -18.52
CA LYS A 238 15.72 1.90 -17.46
C LYS A 238 14.33 2.16 -18.01
N ASP A 239 14.24 3.18 -18.86
CA ASP A 239 12.97 3.57 -19.45
C ASP A 239 12.34 2.42 -20.25
N LYS A 240 13.15 1.74 -21.06
CA LYS A 240 12.64 0.61 -21.82
C LYS A 240 12.20 -0.54 -20.92
N ILE A 241 12.98 -0.82 -19.89
CA ILE A 241 12.67 -1.89 -18.95
C ILE A 241 11.37 -1.58 -18.27
N ARG A 242 11.22 -0.34 -17.83
CA ARG A 242 9.99 0.04 -17.12
C ARG A 242 8.81 -0.21 -18.04
N HIS A 243 8.89 0.26 -19.28
CA HIS A 243 7.79 0.04 -20.22
C HIS A 243 7.55 -1.44 -20.55
N ASP A 244 8.62 -2.18 -20.74
CA ASP A 244 8.53 -3.59 -21.11
C ASP A 244 7.96 -4.47 -20.02
N ASN A 245 7.97 -3.98 -18.78
CA ASN A 245 7.45 -4.77 -17.67
C ASN A 245 6.04 -4.41 -17.27
N LEU A 246 5.46 -3.43 -17.94
CA LEU A 246 4.01 -3.22 -17.79
C LEU A 246 3.29 -4.37 -18.52
N LYS A 247 2.19 -4.81 -17.95
CA LYS A 247 1.36 -5.88 -18.52
C LYS A 247 0.11 -5.16 -18.99
N SER A 248 0.06 -4.87 -20.28
CA SER A 248 -0.98 -4.01 -20.82
CA SER A 248 -0.97 -4.01 -20.85
C SER A 248 -2.14 -4.79 -21.43
N PHE A 249 -3.32 -4.20 -21.30
CA PHE A 249 -4.53 -4.63 -21.97
C PHE A 249 -4.37 -4.32 -23.45
N ASP A 250 -4.44 -5.34 -24.30
CA ASP A 250 -4.47 -5.14 -25.75
C ASP A 250 -5.93 -5.19 -26.19
N ALA A 251 -6.51 -4.01 -26.42
CA ALA A 251 -7.94 -3.89 -26.73
C ALA A 251 -8.25 -4.44 -28.12
N VAL B 14 2.86 17.26 -19.79
CA VAL B 14 2.42 17.20 -21.22
C VAL B 14 1.98 15.79 -21.60
N LYS B 15 2.84 14.80 -21.34
CA LYS B 15 2.46 13.39 -21.49
C LYS B 15 2.11 12.91 -20.10
N LEU B 16 0.90 13.23 -19.69
CA LEU B 16 0.46 13.09 -18.33
C LEU B 16 0.48 11.63 -17.88
N THR B 17 0.11 10.73 -18.80
CA THR B 17 0.08 9.30 -18.53
C THR B 17 1.44 8.78 -18.11
N ASP B 18 2.53 9.41 -18.60
CA ASP B 18 3.88 8.98 -18.21
C ASP B 18 4.07 9.09 -16.71
N GLN B 19 3.43 10.06 -16.08
CA GLN B 19 3.61 10.27 -14.64
C GLN B 19 3.02 9.16 -13.78
N GLN B 20 2.22 8.27 -14.39
CA GLN B 20 1.62 7.14 -13.71
C GLN B 20 2.52 5.91 -13.77
N LEU B 21 3.58 5.96 -14.58
CA LEU B 21 4.27 4.74 -14.95
C LEU B 21 4.75 3.96 -13.74
N MET B 22 5.45 4.64 -12.83
CA MET B 22 6.03 3.90 -11.68
C MET B 22 4.94 3.36 -10.75
N ALA B 23 3.92 4.15 -10.53
CA ALA B 23 2.75 3.69 -9.72
C ALA B 23 2.17 2.38 -10.32
N ASP B 24 1.98 2.37 -11.63
CA ASP B 24 1.44 1.19 -12.31
C ASP B 24 2.40 0.02 -12.23
N LEU B 25 3.68 0.31 -12.46
CA LEU B 25 4.68 -0.73 -12.49
C LEU B 25 4.77 -1.38 -11.12
N TRP B 26 4.73 -0.57 -10.08
CA TRP B 26 4.73 -1.12 -8.71
C TRP B 26 3.50 -2.00 -8.52
N TYR B 27 2.35 -1.48 -8.91
CA TYR B 27 1.13 -2.22 -8.66
C TYR B 27 1.09 -3.56 -9.40
N GLN B 28 1.62 -3.55 -10.62
CA GLN B 28 1.58 -4.75 -11.46
C GLN B 28 2.68 -5.75 -11.19
N THR B 29 3.81 -5.29 -10.69
CA THR B 29 4.97 -6.16 -10.57
C THR B 29 5.51 -6.32 -9.17
N ALA B 30 5.26 -5.37 -8.28
CA ALA B 30 5.94 -5.40 -6.99
C ALA B 30 5.38 -6.52 -6.12
N GLY B 31 6.29 -7.35 -5.62
CA GLY B 31 5.92 -8.31 -4.61
C GLY B 31 5.33 -7.63 -3.38
N GLU B 32 5.82 -6.42 -3.06
CA GLU B 32 5.36 -5.67 -1.90
C GLU B 32 3.88 -5.39 -2.04
N MET B 33 3.45 -5.14 -3.26
CA MET B 33 2.04 -4.91 -3.51
C MET B 33 1.26 -6.16 -3.13
N LYS B 34 1.72 -7.29 -3.65
CA LYS B 34 1.01 -8.52 -3.36
C LYS B 34 0.99 -8.79 -1.86
N ALA B 35 2.10 -8.51 -1.19
CA ALA B 35 2.20 -8.78 0.28
C ALA B 35 1.20 -7.91 1.03
N LEU B 36 1.03 -6.67 0.57
CA LEU B 36 0.04 -5.78 1.17
C LEU B 36 -1.38 -6.29 0.99
N TYR B 37 -1.66 -6.89 -0.16
CA TYR B 37 -2.98 -7.51 -0.35
C TYR B 37 -3.15 -8.74 0.58
N TYR B 38 -2.16 -9.59 0.65
CA TYR B 38 -2.25 -10.68 1.63
C TYR B 38 -2.37 -10.16 3.04
N GLN B 39 -1.60 -9.13 3.39
CA GLN B 39 -1.67 -8.58 4.72
C GLN B 39 -3.10 -8.15 5.03
N GLY B 40 -3.69 -7.42 4.10
CA GLY B 40 -5.03 -6.91 4.32
C GLY B 40 -6.03 -8.06 4.48
N TYR B 41 -5.99 -9.05 3.60
CA TYR B 41 -6.94 -10.16 3.66
C TYR B 41 -6.67 -11.07 4.86
N ASN B 42 -5.41 -11.24 5.22
CA ASN B 42 -5.11 -11.99 6.44
C ASN B 42 -5.67 -11.34 7.68
N THR B 43 -5.50 -10.04 7.75
CA THR B 43 -6.02 -9.25 8.86
C THR B 43 -7.54 -9.30 8.84
N GLY B 44 -8.09 -9.21 7.64
CA GLY B 44 -9.54 -9.38 7.46
C GLY B 44 -10.07 -10.66 8.06
N GLN B 45 -9.41 -11.78 7.78
CA GLN B 45 -9.82 -13.05 8.31
C GLN B 45 -9.74 -13.08 9.84
N LEU B 46 -8.66 -12.54 10.38
CA LEU B 46 -8.49 -12.52 11.83
C LEU B 46 -9.65 -11.76 12.47
N LYS B 47 -9.93 -10.60 11.89
CA LYS B 47 -10.95 -9.74 12.44
C LYS B 47 -12.32 -10.32 12.21
N LEU B 48 -12.52 -11.02 11.11
CA LEU B 48 -13.83 -11.67 10.88
C LEU B 48 -14.05 -12.74 11.94
N ASP B 49 -13.06 -13.59 12.15
CA ASP B 49 -13.21 -14.64 13.15
C ASP B 49 -13.54 -14.04 14.52
N ALA B 50 -12.85 -12.96 14.86
CA ALA B 50 -13.01 -12.31 16.17
C ALA B 50 -14.42 -11.79 16.30
N ALA B 51 -14.91 -11.21 15.21
CA ALA B 51 -16.25 -10.65 15.19
C ALA B 51 -17.27 -11.74 15.35
N LEU B 52 -17.06 -12.85 14.66
CA LEU B 52 -17.98 -13.99 14.77
C LEU B 52 -17.96 -14.63 16.15
N ALA B 53 -16.81 -14.64 16.80
CA ALA B 53 -16.69 -15.25 18.13
C ALA B 53 -17.57 -14.48 19.09
N LYS B 54 -17.58 -13.16 18.93
CA LYS B 54 -18.34 -12.30 19.85
C LYS B 54 -19.81 -12.25 19.50
N GLY B 55 -20.14 -12.57 18.26
CA GLY B 55 -21.53 -12.61 17.85
C GLY B 55 -21.98 -11.23 17.42
N THR B 56 -23.07 -11.22 16.66
CA THR B 56 -23.64 -10.00 16.16
C THR B 56 -25.14 -10.05 16.40
N GLU B 57 -25.78 -8.90 16.36
CA GLU B 57 -27.22 -8.82 16.51
C GLU B 57 -27.95 -9.29 15.25
N LYS B 58 -27.50 -8.78 14.11
CA LYS B 58 -28.07 -9.14 12.81
C LYS B 58 -27.10 -10.10 12.14
N LYS B 59 -27.56 -10.78 11.10
CA LYS B 59 -26.71 -11.67 10.32
C LYS B 59 -25.46 -10.90 9.92
N PRO B 60 -24.28 -11.48 10.14
CA PRO B 60 -23.07 -10.77 9.74
C PRO B 60 -22.92 -10.60 8.23
N ALA B 61 -22.28 -9.50 7.87
CA ALA B 61 -21.90 -9.21 6.50
C ALA B 61 -20.52 -8.59 6.45
N ILE B 62 -19.90 -8.68 5.29
CA ILE B 62 -18.77 -7.85 4.97
C ILE B 62 -19.07 -7.11 3.68
N VAL B 63 -18.42 -5.96 3.53
CA VAL B 63 -18.51 -5.13 2.35
C VAL B 63 -17.15 -5.01 1.72
N LEU B 64 -17.09 -5.23 0.41
CA LEU B 64 -15.87 -4.98 -0.37
C LEU B 64 -16.16 -4.12 -1.57
N ASP B 65 -15.19 -3.26 -1.87
CA ASP B 65 -15.08 -2.58 -3.14
C ASP B 65 -14.61 -3.67 -4.11
N LEU B 66 -14.73 -3.41 -5.41
CA LEU B 66 -14.30 -4.37 -6.42
C LEU B 66 -12.97 -3.95 -7.02
N ASP B 67 -12.96 -2.80 -7.69
CA ASP B 67 -11.77 -2.44 -8.49
C ASP B 67 -10.60 -2.06 -7.60
N GLU B 68 -9.47 -2.74 -7.77
CA GLU B 68 -8.27 -2.53 -6.98
C GLU B 68 -8.47 -2.99 -5.51
N THR B 69 -9.54 -3.77 -5.28
CA THR B 69 -9.73 -4.46 -4.01
C THR B 69 -9.85 -5.97 -4.17
N VAL B 70 -10.77 -6.37 -5.05
CA VAL B 70 -10.96 -7.77 -5.48
C VAL B 70 -10.47 -7.99 -6.91
N LEU B 71 -10.80 -7.07 -7.82
CA LEU B 71 -10.44 -7.21 -9.23
C LEU B 71 -9.31 -6.26 -9.62
N ASP B 72 -8.34 -6.77 -10.37
CA ASP B 72 -7.13 -6.04 -10.73
C ASP B 72 -7.31 -5.45 -12.14
N ASN B 73 -7.44 -4.13 -12.21
CA ASN B 73 -7.59 -3.42 -13.47
C ASN B 73 -6.31 -2.76 -13.95
N SER B 74 -5.19 -3.11 -13.32
CA SER B 74 -3.94 -2.48 -13.70
C SER B 74 -3.56 -2.69 -15.19
N PRO B 75 -3.96 -3.82 -15.85
CA PRO B 75 -3.64 -3.91 -17.29
C PRO B 75 -4.25 -2.78 -18.11
N HIS B 76 -5.40 -2.29 -17.66
CA HIS B 76 -5.97 -1.16 -18.32
C HIS B 76 -5.10 0.10 -18.09
N GLN B 77 -4.67 0.31 -16.86
CA GLN B 77 -3.84 1.50 -16.59
C GLN B 77 -2.50 1.42 -17.31
N ALA B 78 -1.93 0.23 -17.35
CA ALA B 78 -0.72 -0.02 -18.13
C ALA B 78 -0.93 0.33 -19.62
N MET B 79 -2.06 -0.11 -20.17
CA MET B 79 -2.42 0.24 -21.55
C MET B 79 -2.43 1.76 -21.73
N SER B 80 -3.02 2.46 -20.76
CA SER B 80 -3.09 3.92 -20.80
CA SER B 80 -3.09 3.92 -20.81
C SER B 80 -1.69 4.53 -20.92
N VAL B 81 -0.76 3.99 -20.14
CA VAL B 81 0.61 4.49 -20.19
C VAL B 81 1.25 4.18 -21.55
N LYS B 82 1.04 2.97 -22.01
CA LYS B 82 1.67 2.52 -23.26
C LYS B 82 1.17 3.28 -24.48
N THR B 83 -0.12 3.59 -24.49
CA THR B 83 -0.74 4.29 -25.60
C THR B 83 -0.68 5.80 -25.46
N GLY B 84 -0.46 6.26 -24.23
CA GLY B 84 -0.50 7.67 -23.88
C GLY B 84 -1.90 8.24 -23.86
N LYS B 85 -2.90 7.37 -23.73
CA LYS B 85 -4.29 7.76 -23.78
C LYS B 85 -4.94 7.52 -22.42
N GLY B 86 -5.28 8.64 -21.78
CA GLY B 86 -5.79 8.62 -20.45
C GLY B 86 -7.23 8.17 -20.37
N TYR B 87 -7.69 8.05 -19.15
CA TYR B 87 -9.07 7.72 -18.89
C TYR B 87 -10.02 8.69 -19.58
N PRO B 88 -11.15 8.18 -20.14
CA PRO B 88 -11.69 6.81 -20.11
C PRO B 88 -11.29 5.85 -21.24
N TYR B 89 -10.27 6.20 -22.03
CA TYR B 89 -9.96 5.41 -23.22
C TYR B 89 -9.94 3.90 -22.90
N LYS B 90 -10.83 3.18 -23.58
CA LYS B 90 -10.94 1.71 -23.48
CA LYS B 90 -10.92 1.70 -23.48
C LYS B 90 -11.29 1.16 -22.09
N TRP B 91 -11.73 2.01 -21.17
CA TRP B 91 -12.17 1.51 -19.87
C TRP B 91 -13.38 0.60 -20.01
N ASP B 92 -14.42 1.06 -20.70
CA ASP B 92 -15.62 0.23 -20.81
C ASP B 92 -15.34 -1.08 -21.56
N ASP B 93 -14.48 -1.01 -22.57
CA ASP B 93 -14.01 -2.19 -23.32
CA ASP B 93 -14.04 -2.21 -23.29
C ASP B 93 -13.40 -3.18 -22.33
N TRP B 94 -12.50 -2.67 -21.50
CA TRP B 94 -11.83 -3.48 -20.53
C TRP B 94 -12.84 -4.13 -19.59
N ILE B 95 -13.76 -3.33 -19.06
CA ILE B 95 -14.77 -3.87 -18.13
C ILE B 95 -15.55 -5.00 -18.83
N ASN B 96 -15.98 -4.75 -20.06
CA ASN B 96 -16.77 -5.70 -20.81
CA ASN B 96 -16.78 -5.73 -20.78
C ASN B 96 -16.03 -7.03 -21.08
N LYS B 97 -14.72 -6.95 -21.23
CA LYS B 97 -13.91 -8.15 -21.49
C LYS B 97 -13.97 -9.08 -20.28
N ALA B 98 -14.26 -8.51 -19.10
CA ALA B 98 -14.48 -9.29 -17.89
C ALA B 98 -13.34 -10.26 -17.66
N GLU B 99 -12.12 -9.76 -17.85
CA GLU B 99 -10.94 -10.60 -17.78
C GLU B 99 -9.97 -10.15 -16.68
N ALA B 100 -10.41 -9.25 -15.79
CA ALA B 100 -9.57 -8.86 -14.68
C ALA B 100 -9.30 -10.06 -13.80
N GLU B 101 -8.07 -10.14 -13.32
CA GLU B 101 -7.67 -11.16 -12.37
C GLU B 101 -8.05 -10.74 -10.95
N ALA B 102 -8.27 -11.72 -10.09
CA ALA B 102 -8.50 -11.44 -8.68
C ALA B 102 -7.20 -10.98 -8.02
N LEU B 103 -7.36 -10.16 -7.00
CA LEU B 103 -6.19 -9.67 -6.29
C LEU B 103 -5.77 -10.66 -5.22
N PRO B 104 -4.50 -10.61 -4.83
CA PRO B 104 -3.97 -11.65 -3.95
C PRO B 104 -4.74 -11.80 -2.66
N GLY B 105 -5.09 -13.04 -2.33
CA GLY B 105 -5.77 -13.37 -1.10
C GLY B 105 -7.27 -13.16 -1.10
N SER B 106 -7.76 -12.44 -2.09
CA SER B 106 -9.16 -12.04 -2.08
C SER B 106 -10.10 -13.23 -2.12
N ILE B 107 -9.89 -14.13 -3.08
CA ILE B 107 -10.88 -15.17 -3.35
C ILE B 107 -10.93 -16.18 -2.20
N ASP B 108 -9.78 -16.58 -1.69
CA ASP B 108 -9.81 -17.53 -0.56
C ASP B 108 -10.49 -16.89 0.66
N PHE B 109 -10.23 -15.61 0.85
CA PHE B 109 -10.88 -14.92 1.96
C PHE B 109 -12.40 -14.90 1.78
N LEU B 110 -12.86 -14.60 0.57
CA LEU B 110 -14.29 -14.55 0.30
C LEU B 110 -14.93 -15.93 0.45
N LYS B 111 -14.24 -16.98 0.01
CA LYS B 111 -14.76 -18.33 0.18
C LYS B 111 -14.85 -18.70 1.66
N TYR B 112 -13.83 -18.30 2.42
CA TYR B 112 -13.85 -18.52 3.86
C TYR B 112 -15.05 -17.80 4.48
N THR B 113 -15.19 -16.56 4.08
CA THR B 113 -16.26 -15.74 4.61
C THR B 113 -17.62 -16.37 4.36
N GLU B 114 -17.87 -16.79 3.12
CA GLU B 114 -19.14 -17.39 2.78
C GLU B 114 -19.36 -18.64 3.62
N SER B 115 -18.29 -19.39 3.87
CA SER B 115 -18.43 -20.64 4.62
C SER B 115 -18.80 -20.42 6.07
N LYS B 116 -18.53 -19.23 6.59
CA LYS B 116 -18.88 -18.90 7.97
C LYS B 116 -20.30 -18.35 8.08
N GLY B 117 -21.04 -18.34 6.97
CA GLY B 117 -22.43 -17.89 6.96
C GLY B 117 -22.50 -16.39 6.94
N VAL B 118 -21.45 -15.77 6.44
CA VAL B 118 -21.37 -14.33 6.40
C VAL B 118 -21.73 -13.93 4.98
N ASP B 119 -22.68 -13.01 4.84
CA ASP B 119 -23.01 -12.50 3.53
C ASP B 119 -21.98 -11.48 3.06
N ILE B 120 -21.70 -11.51 1.76
CA ILE B 120 -20.75 -10.62 1.14
C ILE B 120 -21.51 -9.67 0.24
N TYR B 121 -21.17 -8.38 0.36
CA TYR B 121 -21.71 -7.37 -0.53
C TYR B 121 -20.59 -6.64 -1.23
N TYR B 122 -20.59 -6.71 -2.55
CA TYR B 122 -19.63 -6.04 -3.37
C TYR B 122 -20.24 -4.72 -3.72
N ILE B 123 -19.76 -3.67 -3.06
CA ILE B 123 -20.26 -2.32 -3.30
C ILE B 123 -19.23 -1.58 -4.12
N SER B 124 -19.59 -1.32 -5.35
CA SER B 124 -18.64 -0.90 -6.38
C SER B 124 -19.25 0.23 -7.17
N ASN B 125 -18.42 1.17 -7.62
CA ASN B 125 -18.88 2.24 -8.49
C ASN B 125 -18.73 1.96 -9.97
N ARG B 126 -18.59 0.69 -10.31
CA ARG B 126 -18.96 0.27 -11.65
C ARG B 126 -20.39 0.67 -11.90
N LYS B 127 -20.72 0.91 -13.17
CA LYS B 127 -22.05 1.38 -13.53
C LYS B 127 -23.01 0.21 -13.53
N THR B 128 -24.27 0.48 -13.21
CA THR B 128 -25.24 -0.61 -13.13
C THR B 128 -25.39 -1.36 -14.46
N ASN B 129 -25.15 -0.69 -15.59
CA ASN B 129 -25.07 -1.37 -16.90
C ASN B 129 -23.82 -2.26 -17.12
N GLN B 130 -22.90 -2.27 -16.16
CA GLN B 130 -21.76 -3.16 -16.23
C GLN B 130 -21.96 -4.38 -15.32
N LEU B 131 -23.20 -4.59 -14.87
CA LEU B 131 -23.48 -5.66 -13.92
C LEU B 131 -23.21 -7.03 -14.53
N ASP B 132 -23.63 -7.24 -15.77
CA ASP B 132 -23.48 -8.56 -16.38
C ASP B 132 -21.99 -8.89 -16.53
N ALA B 133 -21.22 -7.90 -16.99
CA ALA B 133 -19.79 -8.09 -17.13
C ALA B 133 -19.13 -8.34 -15.77
N THR B 134 -19.65 -7.65 -14.76
CA THR B 134 -19.08 -7.76 -13.41
C THR B 134 -19.36 -9.15 -12.84
N ILE B 135 -20.60 -9.59 -12.98
CA ILE B 135 -20.95 -10.96 -12.63
C ILE B 135 -20.05 -11.96 -13.37
N LYS B 136 -19.90 -11.77 -14.68
CA LYS B 136 -19.05 -12.64 -15.48
C LYS B 136 -17.63 -12.68 -14.94
N ASN B 137 -17.07 -11.51 -14.68
CA ASN B 137 -15.71 -11.45 -14.19
C ASN B 137 -15.62 -12.11 -12.80
N LEU B 138 -16.61 -11.89 -11.94
CA LEU B 138 -16.52 -12.45 -10.59
C LEU B 138 -16.68 -13.96 -10.67
N GLU B 139 -17.58 -14.44 -11.51
CA GLU B 139 -17.71 -15.89 -11.69
C GLU B 139 -16.40 -16.47 -12.19
N ARG B 140 -15.77 -15.77 -13.13
CA ARG B 140 -14.54 -16.21 -13.76
C ARG B 140 -13.43 -16.43 -12.72
N VAL B 141 -13.33 -15.49 -11.78
CA VAL B 141 -12.28 -15.57 -10.76
C VAL B 141 -12.69 -16.41 -9.55
N GLY B 142 -13.96 -16.82 -9.46
CA GLY B 142 -14.42 -17.70 -8.37
C GLY B 142 -14.92 -16.96 -7.15
N ALA B 143 -15.21 -15.68 -7.31
CA ALA B 143 -15.77 -14.91 -6.19
C ALA B 143 -17.16 -15.47 -5.87
N PRO B 144 -17.42 -15.82 -4.59
CA PRO B 144 -18.75 -16.30 -4.22
C PRO B 144 -19.80 -15.20 -4.23
N GLN B 145 -21.06 -15.62 -4.22
CA GLN B 145 -22.18 -14.71 -4.15
CA GLN B 145 -22.20 -14.72 -4.19
C GLN B 145 -22.12 -13.67 -5.28
N ALA B 146 -21.75 -14.13 -6.49
CA ALA B 146 -21.61 -13.23 -7.64
C ALA B 146 -22.95 -13.07 -8.32
N THR B 147 -23.87 -12.45 -7.61
CA THR B 147 -25.22 -12.32 -8.06
C THR B 147 -25.66 -10.89 -7.84
N LYS B 148 -26.70 -10.50 -8.57
CA LYS B 148 -27.25 -9.15 -8.47
C LYS B 148 -27.65 -8.77 -7.04
N GLU B 149 -28.05 -9.77 -6.25
CA GLU B 149 -28.43 -9.53 -4.85
C GLU B 149 -27.25 -9.11 -3.98
N HIS B 150 -26.05 -9.40 -4.43
CA HIS B 150 -24.85 -9.13 -3.63
C HIS B 150 -23.90 -8.12 -4.25
N ILE B 151 -24.12 -7.78 -5.52
CA ILE B 151 -23.28 -6.84 -6.22
C ILE B 151 -24.07 -5.55 -6.32
N LEU B 152 -23.68 -4.55 -5.55
CA LEU B 152 -24.42 -3.28 -5.45
C LEU B 152 -23.66 -2.18 -6.19
N LEU B 153 -24.08 -1.94 -7.43
CA LEU B 153 -23.34 -1.03 -8.30
C LEU B 153 -23.87 0.38 -8.15
N GLN B 154 -23.22 1.32 -8.83
CA GLN B 154 -23.53 2.72 -8.66
C GLN B 154 -24.83 3.12 -9.34
N ASP B 155 -25.68 3.81 -8.58
CA ASP B 155 -26.83 4.51 -9.12
C ASP B 155 -26.30 5.83 -9.64
N PRO B 156 -26.53 6.13 -10.94
CA PRO B 156 -26.12 7.45 -11.46
C PRO B 156 -26.76 8.65 -10.73
N LYS B 157 -27.91 8.43 -10.09
CA LYS B 157 -28.56 9.47 -9.28
C LYS B 157 -27.93 9.55 -7.90
N LYS B 159 -24.19 9.14 -5.92
CA LYS B 159 -23.19 9.84 -5.10
C LYS B 159 -22.55 9.03 -3.96
N GLY B 160 -21.42 8.42 -4.21
CA GLY B 160 -20.73 7.67 -3.17
C GLY B 160 -21.45 6.39 -2.86
N LYS B 161 -20.98 5.71 -1.84
CA LYS B 161 -21.46 4.36 -1.52
C LYS B 161 -22.25 4.31 -0.21
N GLU B 162 -22.40 5.44 0.47
CA GLU B 162 -23.00 5.39 1.81
C GLU B 162 -24.41 4.80 1.79
N LYS B 163 -25.16 5.09 0.73
CA LYS B 163 -26.55 4.64 0.67
C LYS B 163 -26.62 3.12 0.61
N ARG B 164 -25.75 2.54 -0.20
CA ARG B 164 -25.64 1.09 -0.30
C ARG B 164 -25.17 0.48 1.03
N ARG B 165 -24.18 1.09 1.69
CA ARG B 165 -23.73 0.60 3.00
C ARG B 165 -24.87 0.62 3.99
N GLU B 166 -25.62 1.72 4.01
CA GLU B 166 -26.73 1.83 4.94
C GLU B 166 -27.75 0.73 4.64
N LEU B 167 -28.05 0.52 3.36
CA LEU B 167 -28.99 -0.51 2.94
C LEU B 167 -28.58 -1.89 3.50
N VAL B 168 -27.33 -2.26 3.33
CA VAL B 168 -26.89 -3.55 3.81
C VAL B 168 -27.04 -3.59 5.32
N SER B 169 -26.72 -2.48 5.98
CA SER B 169 -26.77 -2.42 7.45
CA SER B 169 -26.76 -2.43 7.45
C SER B 169 -28.17 -2.61 8.03
N GLN B 170 -29.20 -2.44 7.20
CA GLN B 170 -30.58 -2.64 7.66
C GLN B 170 -30.88 -4.07 8.05
N THR B 171 -30.25 -5.02 7.36
CA THR B 171 -30.51 -6.45 7.54
C THR B 171 -29.29 -7.25 8.03
N HIS B 172 -28.13 -6.61 8.04
CA HIS B 172 -26.88 -7.25 8.39
C HIS B 172 -26.06 -6.35 9.29
N ASP B 173 -25.23 -6.96 10.13
CA ASP B 173 -24.22 -6.20 10.83
C ASP B 173 -22.96 -6.34 10.03
N ILE B 174 -22.53 -5.22 9.45
CA ILE B 174 -21.34 -5.22 8.64
C ILE B 174 -20.14 -5.18 9.57
N VAL B 175 -19.39 -6.27 9.61
CA VAL B 175 -18.29 -6.38 10.55
C VAL B 175 -16.97 -5.88 9.97
N LEU B 176 -16.87 -5.81 8.65
CA LEU B 176 -15.67 -5.34 7.97
C LEU B 176 -15.98 -4.70 6.64
N PHE B 177 -15.14 -3.72 6.29
CA PHE B 177 -15.14 -3.07 4.97
C PHE B 177 -13.78 -3.18 4.39
N PHE B 178 -13.71 -3.50 3.11
CA PHE B 178 -12.46 -3.65 2.36
C PHE B 178 -12.42 -2.68 1.20
N GLY B 179 -11.31 -1.99 1.02
CA GLY B 179 -11.19 -1.10 -0.14
C GLY B 179 -9.82 -0.48 -0.31
N ASP B 180 -9.60 0.10 -1.47
CA ASP B 180 -8.36 0.85 -1.80
C ASP B 180 -8.53 2.35 -1.77
N ASN B 181 -9.74 2.79 -1.53
CA ASN B 181 -10.08 4.20 -1.60
C ASN B 181 -10.80 4.51 -0.29
N LEU B 182 -10.45 5.60 0.38
CA LEU B 182 -11.11 5.91 1.65
C LEU B 182 -12.62 5.98 1.54
N SER B 183 -13.13 6.34 0.38
CA SER B 183 -14.57 6.42 0.23
C SER B 183 -15.23 5.02 0.18
N ASP B 184 -14.43 3.96 0.29
CA ASP B 184 -14.93 2.59 0.48
C ASP B 184 -15.33 2.32 1.93
N PHE B 185 -15.01 3.27 2.81
CA PHE B 185 -15.36 3.23 4.21
C PHE B 185 -16.25 4.42 4.53
N THR B 186 -16.96 4.36 5.63
CA THR B 186 -17.80 5.51 5.99
CA THR B 186 -17.79 5.48 6.04
C THR B 186 -16.93 6.67 6.48
N GLY B 187 -17.32 7.87 6.09
CA GLY B 187 -16.75 9.08 6.66
C GLY B 187 -15.67 9.81 5.91
N PHE B 188 -15.50 9.49 4.62
CA PHE B 188 -14.46 10.10 3.80
C PHE B 188 -14.94 10.66 2.45
N ASP B 189 -16.20 11.03 2.37
CA ASP B 189 -16.73 11.47 1.07
C ASP B 189 -16.42 12.92 0.77
N GLY B 190 -15.81 13.15 -0.40
CA GLY B 190 -15.65 14.49 -0.93
C GLY B 190 -14.90 15.48 -0.07
N LYS B 191 -13.99 14.99 0.78
CA LYS B 191 -13.22 15.87 1.63
C LYS B 191 -11.98 16.35 0.91
N SER B 192 -11.51 17.52 1.31
CA SER B 192 -10.27 18.06 0.84
C SER B 192 -9.15 17.13 1.22
N VAL B 193 -8.00 17.33 0.61
CA VAL B 193 -6.84 16.54 0.97
C VAL B 193 -6.60 16.73 2.47
N LYS B 194 -6.56 17.97 2.93
CA LYS B 194 -6.37 18.27 4.36
C LYS B 194 -7.39 17.55 5.24
N ASP B 195 -8.67 17.65 4.89
CA ASP B 195 -9.70 17.08 5.75
C ASP B 195 -9.77 15.56 5.68
N ARG B 196 -9.58 14.96 4.51
CA ARG B 196 -9.64 13.51 4.45
C ARG B 196 -8.45 12.96 5.16
N ASN B 197 -7.31 13.64 5.07
CA ASN B 197 -6.14 13.16 5.79
C ASN B 197 -6.32 13.29 7.30
N GLN B 198 -6.94 14.38 7.78
CA GLN B 198 -7.23 14.51 9.19
C GLN B 198 -8.25 13.44 9.64
N ALA B 199 -9.20 13.10 8.75
CA ALA B 199 -10.19 12.07 9.03
C ALA B 199 -9.54 10.72 9.25
N VAL B 200 -8.49 10.45 8.48
CA VAL B 200 -7.74 9.23 8.65
C VAL B 200 -7.12 9.23 10.03
N THR B 201 -6.46 10.32 10.40
CA THR B 201 -5.91 10.44 11.75
C THR B 201 -6.97 10.23 12.84
N ASP B 202 -8.12 10.87 12.64
CA ASP B 202 -9.18 10.76 13.62
C ASP B 202 -9.67 9.34 13.76
N SER B 203 -9.72 8.63 12.64
CA SER B 203 -10.19 7.23 12.59
C SER B 203 -9.07 6.22 12.60
N LYS B 204 -7.89 6.64 13.06
CA LYS B 204 -6.73 5.77 12.94
C LYS B 204 -6.96 4.38 13.53
N ALA B 205 -7.72 4.30 14.63
CA ALA B 205 -7.96 3.01 15.30
C ALA B 205 -8.73 2.03 14.42
N GLN B 206 -9.43 2.53 13.41
CA GLN B 206 -10.31 1.66 12.63
C GLN B 206 -9.57 0.88 11.59
N PHE B 207 -8.41 1.38 11.19
CA PHE B 207 -7.72 0.76 10.09
C PHE B 207 -7.05 -0.51 10.54
N GLY B 208 -7.39 -1.61 9.86
CA GLY B 208 -6.92 -2.93 10.29
C GLY B 208 -7.86 -3.56 11.30
N GLU B 209 -8.94 -2.87 11.62
CA GLU B 209 -9.88 -3.33 12.65
C GLU B 209 -11.24 -3.52 12.00
N LYS B 210 -11.82 -2.42 11.52
CA LYS B 210 -13.09 -2.44 10.78
C LYS B 210 -12.92 -2.09 9.30
N PHE B 211 -11.92 -1.25 9.00
CA PHE B 211 -11.61 -0.78 7.66
C PHE B 211 -10.31 -1.39 7.25
N ILE B 212 -10.38 -2.26 6.26
CA ILE B 212 -9.21 -2.90 5.72
C ILE B 212 -8.86 -2.22 4.41
N ILE B 213 -7.69 -1.57 4.37
CA ILE B 213 -7.31 -0.72 3.25
C ILE B 213 -6.23 -1.43 2.44
N PHE B 214 -6.24 -1.17 1.13
CA PHE B 214 -5.30 -1.72 0.19
C PHE B 214 -4.67 -0.61 -0.62
N PRO B 215 -3.44 -0.82 -1.07
CA PRO B 215 -2.70 0.25 -1.74
C PRO B 215 -3.01 0.44 -3.20
N ASN B 216 -3.36 1.65 -3.59
CA ASN B 216 -3.56 1.97 -5.00
C ASN B 216 -3.03 3.36 -5.34
N PRO B 217 -1.76 3.44 -5.74
CA PRO B 217 -1.15 4.72 -6.10
C PRO B 217 -1.42 5.14 -7.54
N MET B 218 -2.23 4.36 -8.26
CA MET B 218 -2.47 4.62 -9.67
C MET B 218 -3.52 5.70 -9.89
N TYR B 219 -4.55 5.69 -9.05
CA TYR B 219 -5.71 6.53 -9.24
C TYR B 219 -6.55 6.47 -7.98
N GLY B 220 -7.49 7.39 -7.88
CA GLY B 220 -8.41 7.33 -6.78
C GLY B 220 -8.85 8.70 -6.33
N ASP B 221 -9.62 8.71 -5.24
CA ASP B 221 -10.06 9.96 -4.62
C ASP B 221 -8.88 10.75 -4.08
N TRP B 222 -7.74 10.12 -3.82
CA TRP B 222 -6.59 10.90 -3.42
C TRP B 222 -6.18 11.87 -4.52
N GLU B 223 -6.35 11.47 -5.77
CA GLU B 223 -6.04 12.30 -6.92
C GLU B 223 -7.19 13.27 -7.13
N GLY B 224 -8.40 12.74 -7.14
CA GLY B 224 -9.58 13.58 -7.26
C GLY B 224 -9.61 14.74 -6.29
N ALA B 225 -9.25 14.48 -5.04
CA ALA B 225 -9.24 15.52 -4.03
C ALA B 225 -8.29 16.66 -4.37
N LEU B 226 -7.16 16.34 -4.99
CA LEU B 226 -6.23 17.37 -5.43
C LEU B 226 -6.84 18.28 -6.47
N TYR B 227 -7.78 17.74 -7.24
CA TYR B 227 -8.47 18.53 -8.28
C TYR B 227 -9.82 19.05 -7.78
N ASP B 228 -10.01 19.03 -6.45
CA ASP B 228 -11.32 19.36 -5.85
C ASP B 228 -12.47 18.57 -6.49
N TYR B 229 -12.15 17.36 -6.92
CA TYR B 229 -13.11 16.41 -7.52
C TYR B 229 -13.70 16.90 -8.84
N ASN B 230 -12.93 17.75 -9.52
CA ASN B 230 -13.29 18.30 -10.83
C ASN B 230 -12.26 17.80 -11.84
N PHE B 231 -12.57 16.72 -12.53
CA PHE B 231 -11.65 16.12 -13.48
C PHE B 231 -11.72 16.77 -14.86
N LYS B 232 -12.58 17.78 -15.02
CA LYS B 232 -12.68 18.57 -16.25
C LYS B 232 -11.53 19.57 -16.21
N LYS B 233 -10.31 19.02 -16.29
CA LYS B 233 -9.10 19.82 -16.30
C LYS B 233 -8.27 19.30 -17.45
N SER B 234 -7.54 20.19 -18.08
CA SER B 234 -6.64 19.78 -19.14
C SER B 234 -5.50 18.99 -18.51
N ASP B 235 -4.79 18.26 -19.33
CA ASP B 235 -3.58 17.61 -18.89
C ASP B 235 -2.58 18.62 -18.30
N ALA B 236 -2.48 19.80 -18.91
CA ALA B 236 -1.59 20.86 -18.42
C ALA B 236 -2.00 21.37 -17.03
N GLU B 237 -3.31 21.49 -16.80
CA GLU B 237 -3.83 21.88 -15.48
C GLU B 237 -3.56 20.85 -14.40
N LYS B 238 -3.80 19.58 -14.72
CA LYS B 238 -3.54 18.49 -13.77
CA LYS B 238 -3.54 18.49 -13.77
C LYS B 238 -2.05 18.42 -13.46
N ASP B 239 -1.22 18.60 -14.49
CA ASP B 239 0.23 18.55 -14.33
C ASP B 239 0.68 19.62 -13.31
N LYS B 240 0.10 20.80 -13.35
CA LYS B 240 0.51 21.88 -12.47
C LYS B 240 0.12 21.60 -11.02
N ILE B 241 -1.10 21.12 -10.86
CA ILE B 241 -1.60 20.77 -9.53
C ILE B 241 -0.72 19.68 -8.93
N ARG B 242 -0.44 18.67 -9.74
CA ARG B 242 0.35 17.55 -9.26
C ARG B 242 1.71 18.08 -8.76
N HIS B 243 2.39 18.91 -9.55
CA HIS B 243 3.71 19.39 -9.17
C HIS B 243 3.63 20.27 -7.93
N ASP B 244 2.60 21.10 -7.84
CA ASP B 244 2.48 22.03 -6.73
C ASP B 244 2.23 21.34 -5.40
N ASN B 245 1.68 20.13 -5.45
CA ASN B 245 1.38 19.38 -4.24
C ASN B 245 2.47 18.42 -3.80
N LEU B 246 3.57 18.41 -4.53
CA LEU B 246 4.76 17.73 -4.06
C LEU B 246 5.45 18.70 -3.10
N LYS B 247 5.96 18.15 -2.00
CA LYS B 247 6.66 18.94 -1.02
C LYS B 247 8.12 18.53 -1.09
N SER B 248 8.97 19.39 -1.64
CA SER B 248 10.42 19.18 -1.66
C SER B 248 11.03 19.68 -0.35
N PHE B 249 12.35 19.64 -0.24
CA PHE B 249 13.04 20.23 0.92
C PHE B 249 13.99 21.36 0.49
N ASP B 250 14.42 22.17 1.47
CA ASP B 250 15.31 23.31 1.22
C ASP B 250 16.78 22.93 1.39
MG MG C . 12.67 1.30 3.63
MG MG D . -11.58 0.48 -5.77
#